data_2EKL
#
_entry.id   2EKL
#
_cell.length_a   105.065
_cell.length_b   59.798
_cell.length_c   60.728
_cell.angle_alpha   90.00
_cell.angle_beta   114.30
_cell.angle_gamma   90.00
#
_symmetry.space_group_name_H-M   'C 1 2 1'
#
loop_
_entity.id
_entity.type
_entity.pdbx_description
1 polymer 'D-3-phosphoglycerate dehydrogenase'
2 non-polymer NICOTINAMIDE-ADENINE-DINUCLEOTIDE
3 water water
#
_entity_poly.entity_id   1
_entity_poly.type   'polypeptide(L)'
_entity_poly.pdbx_seq_one_letter_code
;MAIYTVKALITDPIDEILIKTLREKGIQVDYMPEISKEELLNIIGNYDIIVVRSRTKVTKDVIEKGKKLKIIARAGIGLD
NIDTEEAEKRNIKVVYAPGASTDSAVELTIGLMIAAARKMYTSMALAKSGIFKKIEGLELAGKTIGIVGFGRIGTKVGII
ANAMGMKVLAYDILDIREKAEKINAKAVSLEELLKNSDVISLHVTVSKDAKPIIDYPQFELMKDNVIIVNTSRAVAVNGK
ALLDYIKKGKVYAYATDVFWNEPPKEEWELELLKHERVIVTTHIGAQTKEAQKRVAEMTTQNLLNAMKELGMI
;
_entity_poly.pdbx_strand_id   A
#
loop_
_chem_comp.id
_chem_comp.type
_chem_comp.name
_chem_comp.formula
NAD non-polymer NICOTINAMIDE-ADENINE-DINUCLEOTIDE 'C21 H27 N7 O14 P2'
#
# COMPACT_ATOMS: atom_id res chain seq x y z
N ALA A 2 4.02 0.70 45.13
CA ALA A 2 2.67 0.35 44.62
C ALA A 2 2.75 -0.32 43.25
N ILE A 3 1.64 -0.89 42.81
CA ILE A 3 1.58 -1.56 41.51
C ILE A 3 1.36 -0.57 40.37
N TYR A 4 2.16 -0.70 39.32
CA TYR A 4 2.05 0.18 38.16
C TYR A 4 0.69 -0.07 37.51
N THR A 5 0.05 0.99 37.02
CA THR A 5 -1.29 0.84 36.43
C THR A 5 -0.74 1.43 35.12
N VAL A 6 -0.81 0.57 34.09
CA VAL A 6 -0.27 1.01 32.81
C VAL A 6 -1.46 1.70 32.07
N LYS A 7 -1.19 2.80 31.39
CA LYS A 7 -2.25 3.59 30.74
C LYS A 7 -2.08 3.64 29.22
N ALA A 8 -3.16 3.37 28.49
CA ALA A 8 -3.13 3.41 27.03
C ALA A 8 -4.11 4.44 26.49
N LEU A 9 -3.66 5.19 25.48
CA LEU A 9 -4.51 6.19 24.84
C LEU A 9 -4.76 5.80 23.39
N ILE A 10 -6.03 5.68 23.02
CA ILE A 10 -6.40 5.33 21.65
C ILE A 10 -6.97 6.62 21.09
N THR A 11 -6.32 7.14 20.07
CA THR A 11 -6.69 8.43 19.48
C THR A 11 -7.58 8.42 18.25
N ASP A 12 -7.77 7.25 17.67
CA ASP A 12 -8.61 7.14 16.47
C ASP A 12 -9.60 5.99 16.57
N PRO A 13 -10.68 6.06 15.78
CA PRO A 13 -11.69 5.00 15.80
C PRO A 13 -11.04 3.70 15.33
N ILE A 14 -11.01 2.68 16.18
CA ILE A 14 -10.39 1.42 15.79
C ILE A 14 -11.27 0.21 16.09
N ASP A 15 -10.85 -0.94 15.58
CA ASP A 15 -11.58 -2.19 15.79
C ASP A 15 -11.70 -2.45 17.27
N GLU A 16 -12.91 -2.77 17.71
CA GLU A 16 -13.17 -3.02 19.14
C GLU A 16 -12.39 -4.19 19.72
N ILE A 17 -11.91 -5.09 18.86
CA ILE A 17 -11.16 -6.24 19.34
C ILE A 17 -9.95 -5.83 20.17
N LEU A 18 -9.21 -4.83 19.70
CA LEU A 18 -8.03 -4.36 20.39
C LEU A 18 -8.38 -3.71 21.73
N ILE A 19 -9.39 -2.86 21.73
CA ILE A 19 -9.82 -2.20 22.95
C ILE A 19 -10.32 -3.21 23.97
N LYS A 20 -11.15 -4.14 23.51
CA LYS A 20 -11.70 -5.18 24.37
C LYS A 20 -10.59 -6.02 25.00
N THR A 21 -9.60 -6.38 24.19
CA THR A 21 -8.49 -7.19 24.65
C THR A 21 -7.71 -6.48 25.77
N LEU A 22 -7.45 -5.20 25.59
CA LEU A 22 -6.72 -4.42 26.58
C LEU A 22 -7.54 -4.28 27.86
N ARG A 23 -8.82 -3.96 27.71
CA ARG A 23 -9.69 -3.79 28.86
C ARG A 23 -9.83 -5.08 29.67
N GLU A 24 -9.95 -6.21 28.98
CA GLU A 24 -10.08 -7.50 29.65
C GLU A 24 -8.87 -7.79 30.54
N LYS A 25 -7.73 -7.25 30.15
CA LYS A 25 -6.50 -7.49 30.91
C LYS A 25 -6.21 -6.46 32.00
N GLY A 26 -7.21 -5.62 32.30
CA GLY A 26 -7.04 -4.63 33.34
C GLY A 26 -6.28 -3.38 32.97
N ILE A 27 -5.92 -3.23 31.70
CA ILE A 27 -5.18 -2.05 31.29
C ILE A 27 -6.16 -0.86 31.24
N GLN A 28 -5.70 0.29 31.73
CA GLN A 28 -6.53 1.49 31.73
C GLN A 28 -6.54 2.04 30.32
N VAL A 29 -7.69 1.96 29.65
CA VAL A 29 -7.80 2.43 28.28
C VAL A 29 -8.68 3.67 28.10
N ASP A 30 -8.07 4.75 27.62
CA ASP A 30 -8.81 5.98 27.37
C ASP A 30 -9.03 6.08 25.86
N TYR A 31 -10.27 5.87 25.45
CA TYR A 31 -10.63 5.90 24.04
C TYR A 31 -11.15 7.28 23.63
N MET A 32 -10.32 8.04 22.94
CA MET A 32 -10.66 9.38 22.47
C MET A 32 -10.45 9.44 20.96
N PRO A 33 -11.33 8.76 20.20
CA PRO A 33 -11.27 8.70 18.74
C PRO A 33 -11.29 10.01 17.96
N GLU A 34 -11.62 11.12 18.62
CA GLU A 34 -11.63 12.41 17.93
C GLU A 34 -10.88 13.49 18.70
N ILE A 35 -9.93 13.08 19.54
CA ILE A 35 -9.13 14.00 20.32
C ILE A 35 -8.38 14.94 19.38
N SER A 36 -8.40 16.24 19.70
CA SER A 36 -7.72 17.23 18.87
C SER A 36 -6.20 17.15 19.03
N LYS A 37 -5.50 17.71 18.06
CA LYS A 37 -4.03 17.83 18.04
C LYS A 37 -3.51 18.45 19.33
N GLU A 38 -4.18 19.54 19.70
CA GLU A 38 -3.77 20.31 20.85
C GLU A 38 -3.98 19.55 22.15
N GLU A 39 -5.16 18.95 22.30
CA GLU A 39 -5.48 18.20 23.52
C GLU A 39 -4.55 16.99 23.65
N LEU A 40 -4.16 16.40 22.53
CA LEU A 40 -3.27 15.25 22.55
C LEU A 40 -1.95 15.63 23.22
N LEU A 41 -1.38 16.75 22.78
CA LEU A 41 -0.12 17.22 23.35
C LEU A 41 -0.25 17.50 24.84
N ASN A 42 -1.43 17.93 25.27
CA ASN A 42 -1.65 18.24 26.67
C ASN A 42 -1.70 17.03 27.58
N ILE A 43 -2.11 15.88 27.04
CA ILE A 43 -2.22 14.68 27.86
C ILE A 43 -1.35 13.48 27.51
N ILE A 44 -0.66 13.53 26.38
CA ILE A 44 0.17 12.39 25.98
C ILE A 44 1.20 11.97 27.03
N GLY A 45 1.64 12.93 27.83
CA GLY A 45 2.63 12.63 28.85
C GLY A 45 2.17 11.66 29.94
N ASN A 46 0.88 11.38 29.99
CA ASN A 46 0.36 10.47 31.02
C ASN A 46 0.23 9.03 30.56
N TYR A 47 0.65 8.72 29.33
CA TYR A 47 0.49 7.36 28.83
C TYR A 47 1.74 6.55 28.51
N ASP A 48 1.63 5.24 28.73
CA ASP A 48 2.70 4.28 28.47
C ASP A 48 2.53 3.75 27.05
N ILE A 49 1.29 3.76 26.57
CA ILE A 49 0.96 3.24 25.25
C ILE A 49 0.03 4.18 24.49
N ILE A 50 0.26 4.33 23.19
CA ILE A 50 -0.61 5.15 22.36
C ILE A 50 -0.97 4.28 21.16
N VAL A 51 -2.24 4.28 20.78
CA VAL A 51 -2.69 3.49 19.64
C VAL A 51 -3.30 4.46 18.64
N VAL A 52 -2.81 4.43 17.41
CA VAL A 52 -3.30 5.36 16.40
C VAL A 52 -3.63 4.67 15.08
N ARG A 53 -4.42 5.35 14.28
CA ARG A 53 -4.58 4.69 13.05
C ARG A 53 -3.87 5.53 12.03
N SER A 54 -4.65 6.47 11.46
CA SER A 54 -4.06 7.32 10.45
C SER A 54 -4.26 9.05 10.53
N ARG A 55 -5.46 9.34 11.03
CA ARG A 55 -5.85 10.71 11.39
C ARG A 55 -4.84 11.37 12.32
N THR A 56 -4.40 10.63 13.32
CA THR A 56 -3.44 11.14 14.30
C THR A 56 -1.99 11.01 13.84
N LYS A 57 -1.23 12.09 13.96
CA LYS A 57 0.17 12.08 13.57
C LYS A 57 1.08 12.05 14.79
N VAL A 58 1.85 10.98 14.92
CA VAL A 58 2.77 10.83 16.05
C VAL A 58 4.11 11.42 15.65
N THR A 59 4.17 12.75 15.62
CA THR A 59 5.37 13.48 15.25
C THR A 59 6.39 13.56 16.37
N LYS A 60 7.56 14.12 16.05
CA LYS A 60 8.65 14.27 17.00
C LYS A 60 8.24 14.98 18.28
N ASP A 61 7.52 16.09 18.14
CA ASP A 61 7.09 16.85 19.32
C ASP A 61 6.10 16.07 20.18
N VAL A 62 5.31 15.20 19.56
CA VAL A 62 4.35 14.40 20.30
C VAL A 62 5.10 13.38 21.16
N ILE A 63 6.12 12.77 20.59
CA ILE A 63 6.92 11.78 21.30
C ILE A 63 7.69 12.42 22.45
N GLU A 64 8.23 13.61 22.21
CA GLU A 64 8.99 14.32 23.23
C GLU A 64 8.10 14.60 24.43
N LYS A 65 6.86 14.99 24.16
CA LYS A 65 5.90 15.29 25.22
C LYS A 65 5.47 14.01 25.93
N GLY A 66 5.46 12.90 25.20
CA GLY A 66 5.08 11.63 25.78
C GLY A 66 6.24 11.04 26.56
N LYS A 67 6.55 11.64 27.70
CA LYS A 67 7.67 11.21 28.54
C LYS A 67 7.55 9.79 29.08
N LYS A 68 6.34 9.25 29.14
CA LYS A 68 6.14 7.90 29.66
C LYS A 68 5.90 6.85 28.57
N LEU A 69 5.87 7.30 27.31
CA LEU A 69 5.63 6.39 26.19
C LEU A 69 6.65 5.25 26.10
N LYS A 70 6.13 4.03 26.00
CA LYS A 70 6.95 2.82 25.91
C LYS A 70 6.60 2.03 24.66
N ILE A 71 5.35 2.18 24.19
CA ILE A 71 4.89 1.47 23.01
C ILE A 71 3.98 2.36 22.17
N ILE A 72 4.21 2.35 20.86
CA ILE A 72 3.40 3.10 19.92
C ILE A 72 2.79 2.04 19.01
N ALA A 73 1.47 1.99 18.94
CA ALA A 73 0.80 1.00 18.09
C ALA A 73 0.06 1.67 16.95
N ARG A 74 0.36 1.23 15.73
CA ARG A 74 -0.28 1.75 14.54
C ARG A 74 -1.18 0.64 13.99
N ALA A 75 -2.49 0.85 14.07
CA ALA A 75 -3.43 -0.15 13.58
C ALA A 75 -3.55 0.03 12.07
N GLY A 76 -2.48 -0.36 11.38
CA GLY A 76 -2.44 -0.25 9.92
C GLY A 76 -1.31 -1.08 9.33
N ILE A 77 -1.15 -1.01 8.02
CA ILE A 77 -0.13 -1.77 7.33
C ILE A 77 1.15 -0.98 7.09
N GLY A 78 1.15 0.28 7.52
CA GLY A 78 2.32 1.12 7.34
C GLY A 78 2.62 1.99 8.55
N LEU A 79 3.64 2.83 8.45
CA LEU A 79 4.02 3.71 9.55
C LEU A 79 4.35 5.12 9.09
N ASP A 80 3.72 5.55 8.00
CA ASP A 80 3.98 6.89 7.46
C ASP A 80 3.56 8.05 8.36
N ASN A 81 2.73 7.78 9.36
CA ASN A 81 2.28 8.85 10.26
C ASN A 81 3.02 8.82 11.59
N ILE A 82 4.06 8.00 11.66
CA ILE A 82 4.87 7.87 12.88
C ILE A 82 6.31 8.26 12.64
N ASP A 83 6.89 8.99 13.58
CA ASP A 83 8.29 9.38 13.46
C ASP A 83 9.10 8.23 14.04
N THR A 84 9.31 7.21 13.23
CA THR A 84 10.04 6.02 13.65
C THR A 84 11.46 6.29 14.12
N GLU A 85 12.10 7.30 13.54
CA GLU A 85 13.46 7.63 13.94
C GLU A 85 13.48 8.15 15.37
N GLU A 86 12.61 9.12 15.67
CA GLU A 86 12.55 9.68 17.00
C GLU A 86 12.16 8.58 17.99
N ALA A 87 11.23 7.73 17.58
CA ALA A 87 10.78 6.64 18.43
C ALA A 87 11.92 5.72 18.83
N GLU A 88 12.78 5.38 17.88
CA GLU A 88 13.90 4.50 18.16
C GLU A 88 14.87 5.13 19.15
N LYS A 89 15.13 6.42 19.00
CA LYS A 89 16.03 7.14 19.89
C LYS A 89 15.53 7.04 21.34
N ARG A 90 14.22 7.13 21.51
CA ARG A 90 13.60 7.05 22.82
C ARG A 90 13.43 5.61 23.27
N ASN A 91 13.85 4.68 22.41
CA ASN A 91 13.75 3.25 22.72
C ASN A 91 12.28 2.83 22.89
N ILE A 92 11.41 3.47 22.12
CA ILE A 92 9.98 3.17 22.16
C ILE A 92 9.62 2.11 21.12
N LYS A 93 9.06 0.99 21.57
CA LYS A 93 8.67 -0.09 20.68
C LYS A 93 7.53 0.35 19.78
N VAL A 94 7.69 0.16 18.48
CA VAL A 94 6.66 0.52 17.52
C VAL A 94 6.11 -0.73 16.85
N VAL A 95 4.81 -0.96 16.99
CA VAL A 95 4.17 -2.14 16.40
C VAL A 95 3.03 -1.79 15.47
N TYR A 96 2.76 -2.68 14.53
CA TYR A 96 1.68 -2.50 13.57
C TYR A 96 1.37 -3.85 12.93
N ALA A 97 0.82 -3.83 11.71
CA ALA A 97 0.47 -5.10 11.05
C ALA A 97 1.09 -5.26 9.67
N PRO A 98 2.43 -5.39 9.59
CA PRO A 98 3.11 -5.56 8.30
C PRO A 98 2.70 -6.82 7.54
N GLY A 99 2.39 -6.64 6.26
CA GLY A 99 1.99 -7.76 5.42
C GLY A 99 0.56 -8.24 5.61
N ALA A 100 -0.18 -7.61 6.52
CA ALA A 100 -1.56 -7.99 6.81
C ALA A 100 -2.55 -7.98 5.65
N SER A 101 -2.27 -7.21 4.60
CA SER A 101 -3.21 -7.13 3.48
C SER A 101 -2.69 -7.71 2.17
N THR A 102 -1.57 -8.41 2.22
CA THR A 102 -0.97 -8.99 1.02
C THR A 102 -1.93 -9.59 -0.02
N ASP A 103 -2.70 -10.60 0.35
CA ASP A 103 -3.59 -11.23 -0.62
C ASP A 103 -4.65 -10.30 -1.19
N SER A 104 -5.14 -9.37 -0.39
CA SER A 104 -6.14 -8.44 -0.88
C SER A 104 -5.53 -7.49 -1.92
N ALA A 105 -4.28 -7.09 -1.68
CA ALA A 105 -3.60 -6.19 -2.61
C ALA A 105 -3.26 -6.95 -3.89
N VAL A 106 -2.86 -8.21 -3.75
CA VAL A 106 -2.53 -9.06 -4.89
C VAL A 106 -3.75 -9.22 -5.80
N GLU A 107 -4.89 -9.51 -5.18
CA GLU A 107 -6.10 -9.71 -5.93
C GLU A 107 -6.54 -8.45 -6.67
N LEU A 108 -6.46 -7.31 -6.01
CA LEU A 108 -6.85 -6.06 -6.66
C LEU A 108 -5.92 -5.79 -7.85
N THR A 109 -4.64 -6.16 -7.71
CA THR A 109 -3.67 -5.96 -8.78
C THR A 109 -4.10 -6.72 -10.02
N ILE A 110 -4.43 -8.00 -9.86
CA ILE A 110 -4.86 -8.84 -10.97
C ILE A 110 -6.16 -8.28 -11.55
N GLY A 111 -7.05 -7.82 -10.67
CA GLY A 111 -8.30 -7.27 -11.13
C GLY A 111 -8.08 -6.02 -11.99
N LEU A 112 -7.19 -5.14 -11.53
CA LEU A 112 -6.88 -3.92 -12.26
C LEU A 112 -6.24 -4.23 -13.61
N MET A 113 -5.33 -5.20 -13.63
CA MET A 113 -4.66 -5.58 -14.87
C MET A 113 -5.69 -6.02 -15.93
N ILE A 114 -6.62 -6.87 -15.52
CA ILE A 114 -7.63 -7.37 -16.45
C ILE A 114 -8.61 -6.27 -16.83
N ALA A 115 -9.02 -5.46 -15.86
CA ALA A 115 -9.96 -4.37 -16.14
C ALA A 115 -9.35 -3.41 -17.16
N ALA A 116 -8.06 -3.14 -17.02
CA ALA A 116 -7.36 -2.24 -17.94
C ALA A 116 -7.23 -2.85 -19.33
N ALA A 117 -6.83 -4.11 -19.38
CA ALA A 117 -6.67 -4.81 -20.64
C ALA A 117 -7.97 -4.96 -21.40
N ARG A 118 -9.08 -5.08 -20.68
CA ARG A 118 -10.37 -5.31 -21.32
C ARG A 118 -11.37 -4.17 -21.28
N LYS A 119 -10.93 -3.00 -20.82
CA LYS A 119 -11.81 -1.83 -20.72
C LYS A 119 -13.10 -2.21 -20.03
N MET A 120 -12.97 -2.94 -18.92
CA MET A 120 -14.15 -3.38 -18.19
C MET A 120 -14.99 -2.23 -17.66
N TYR A 121 -14.36 -1.16 -17.20
CA TYR A 121 -15.10 -0.03 -16.67
C TYR A 121 -16.03 0.55 -17.73
N THR A 122 -15.48 0.79 -18.91
CA THR A 122 -16.26 1.35 -20.00
C THR A 122 -17.47 0.46 -20.31
N SER A 123 -17.22 -0.84 -20.36
CA SER A 123 -18.27 -1.82 -20.65
C SER A 123 -19.34 -1.84 -19.56
N MET A 124 -18.91 -1.83 -18.30
CA MET A 124 -19.85 -1.87 -17.19
C MET A 124 -20.71 -0.61 -17.13
N ALA A 125 -20.10 0.53 -17.45
CA ALA A 125 -20.83 1.79 -17.44
C ALA A 125 -21.89 1.74 -18.54
N LEU A 126 -21.51 1.24 -19.71
CA LEU A 126 -22.43 1.11 -20.81
C LEU A 126 -23.60 0.22 -20.42
N ALA A 127 -23.30 -0.95 -19.87
CA ALA A 127 -24.34 -1.89 -19.46
C ALA A 127 -25.34 -1.27 -18.50
N LYS A 128 -24.85 -0.62 -17.45
CA LYS A 128 -25.73 0.00 -16.48
C LYS A 128 -26.65 1.05 -17.11
N SER A 129 -26.20 1.64 -18.22
CA SER A 129 -27.00 2.65 -18.92
C SER A 129 -27.97 2.00 -19.90
N GLY A 130 -27.93 0.67 -19.98
CA GLY A 130 -28.82 -0.04 -20.88
C GLY A 130 -28.33 -0.10 -22.31
N ILE A 131 -27.04 0.18 -22.51
CA ILE A 131 -26.44 0.14 -23.82
C ILE A 131 -25.46 -1.02 -23.88
N PHE A 132 -25.89 -2.13 -24.45
CA PHE A 132 -25.03 -3.31 -24.53
C PHE A 132 -24.20 -3.38 -25.79
N LYS A 133 -23.27 -2.45 -25.90
CA LYS A 133 -22.36 -2.36 -27.03
C LYS A 133 -21.05 -3.02 -26.65
N LYS A 134 -20.58 -3.92 -27.50
CA LYS A 134 -19.32 -4.62 -27.24
C LYS A 134 -18.11 -3.70 -27.39
N ILE A 135 -17.07 -3.96 -26.60
CA ILE A 135 -15.84 -3.18 -26.61
C ILE A 135 -14.67 -4.17 -26.68
N GLU A 136 -13.71 -3.89 -27.55
CA GLU A 136 -12.56 -4.80 -27.72
C GLU A 136 -11.34 -4.39 -26.92
N GLY A 137 -10.71 -5.39 -26.27
CA GLY A 137 -9.51 -5.14 -25.49
C GLY A 137 -8.35 -6.04 -25.91
N LEU A 138 -7.50 -6.38 -24.96
CA LEU A 138 -6.33 -7.22 -25.21
C LEU A 138 -6.32 -8.49 -24.37
N GLU A 139 -5.84 -9.58 -24.97
CA GLU A 139 -5.73 -10.87 -24.27
C GLU A 139 -4.39 -10.88 -23.53
N LEU A 140 -4.31 -11.61 -22.42
CA LEU A 140 -3.09 -11.64 -21.62
C LEU A 140 -2.24 -12.88 -21.73
N ALA A 141 -2.87 -14.02 -21.96
CA ALA A 141 -2.15 -15.28 -22.08
C ALA A 141 -1.06 -15.20 -23.14
N GLY A 142 0.09 -15.79 -22.84
CA GLY A 142 1.20 -15.79 -23.77
C GLY A 142 2.05 -14.53 -23.75
N LYS A 143 1.53 -13.46 -23.16
CA LYS A 143 2.29 -12.23 -23.09
C LYS A 143 3.22 -12.23 -21.89
N THR A 144 4.11 -11.25 -21.85
CA THR A 144 5.10 -11.14 -20.79
C THR A 144 4.75 -10.06 -19.77
N ILE A 145 4.81 -10.42 -18.48
CA ILE A 145 4.54 -9.44 -17.43
C ILE A 145 5.84 -9.20 -16.65
N GLY A 146 6.10 -7.94 -16.36
CA GLY A 146 7.29 -7.57 -15.62
C GLY A 146 6.93 -7.08 -14.23
N ILE A 147 7.35 -7.84 -13.22
CA ILE A 147 7.07 -7.49 -11.84
C ILE A 147 8.21 -6.64 -11.27
N VAL A 148 7.94 -5.36 -11.04
CA VAL A 148 8.95 -4.46 -10.48
C VAL A 148 8.69 -4.38 -8.97
N GLY A 149 9.56 -5.01 -8.19
CA GLY A 149 9.38 -5.05 -6.76
C GLY A 149 8.85 -6.45 -6.51
N PHE A 150 9.74 -7.37 -6.18
CA PHE A 150 9.38 -8.78 -5.99
C PHE A 150 9.31 -9.18 -4.52
N GLY A 151 8.45 -8.50 -3.76
CA GLY A 151 8.31 -8.81 -2.35
C GLY A 151 7.09 -9.68 -2.08
N ARG A 152 6.43 -9.44 -0.95
CA ARG A 152 5.24 -10.21 -0.58
C ARG A 152 4.19 -10.23 -1.68
N ILE A 153 3.80 -9.03 -2.11
CA ILE A 153 2.77 -8.88 -3.14
C ILE A 153 3.28 -9.22 -4.53
N GLY A 154 4.44 -8.67 -4.90
CA GLY A 154 4.99 -8.93 -6.21
C GLY A 154 5.15 -10.41 -6.52
N THR A 155 5.61 -11.17 -5.53
CA THR A 155 5.80 -12.61 -5.74
C THR A 155 4.49 -13.31 -6.07
N LYS A 156 3.44 -13.01 -5.32
CA LYS A 156 2.15 -13.66 -5.56
C LYS A 156 1.50 -13.24 -6.87
N VAL A 157 1.68 -11.99 -7.27
CA VAL A 157 1.12 -11.52 -8.53
C VAL A 157 1.81 -12.34 -9.64
N GLY A 158 3.09 -12.61 -9.45
CA GLY A 158 3.84 -13.39 -10.42
C GLY A 158 3.32 -14.82 -10.52
N ILE A 159 3.03 -15.43 -9.37
CA ILE A 159 2.53 -16.79 -9.35
C ILE A 159 1.20 -16.88 -10.09
N ILE A 160 0.35 -15.89 -9.88
CA ILE A 160 -0.95 -15.87 -10.53
C ILE A 160 -0.81 -15.60 -12.03
N ALA A 161 0.01 -14.63 -12.39
CA ALA A 161 0.19 -14.31 -13.81
C ALA A 161 0.75 -15.52 -14.55
N ASN A 162 1.65 -16.27 -13.91
CA ASN A 162 2.21 -17.46 -14.54
C ASN A 162 1.10 -18.47 -14.81
N ALA A 163 0.18 -18.61 -13.86
CA ALA A 163 -0.93 -19.54 -14.02
C ALA A 163 -1.87 -19.07 -15.13
N MET A 164 -1.86 -17.77 -15.41
CA MET A 164 -2.68 -17.21 -16.47
C MET A 164 -1.98 -17.39 -17.82
N GLY A 165 -0.85 -18.11 -17.81
CA GLY A 165 -0.14 -18.35 -19.05
C GLY A 165 0.77 -17.21 -19.51
N MET A 166 1.08 -16.29 -18.61
CA MET A 166 1.96 -15.18 -18.95
C MET A 166 3.40 -15.55 -18.59
N LYS A 167 4.34 -14.99 -19.33
CA LYS A 167 5.74 -15.18 -19.01
C LYS A 167 6.12 -14.16 -18.02
N VAL A 168 6.65 -14.59 -16.88
CA VAL A 168 6.97 -13.65 -15.82
C VAL A 168 8.44 -13.28 -15.67
N LEU A 169 8.68 -11.97 -15.69
CA LEU A 169 10.02 -11.42 -15.51
C LEU A 169 9.92 -10.61 -14.23
N ALA A 170 11.01 -10.52 -13.47
CA ALA A 170 10.96 -9.76 -12.24
C ALA A 170 12.26 -9.01 -11.98
N TYR A 171 12.12 -7.83 -11.40
CA TYR A 171 13.27 -7.01 -11.05
C TYR A 171 13.09 -6.49 -9.63
N ASP A 172 14.18 -6.54 -8.87
CA ASP A 172 14.16 -6.05 -7.51
C ASP A 172 15.59 -5.60 -7.24
N ILE A 173 15.74 -4.60 -6.37
CA ILE A 173 17.08 -4.12 -6.05
C ILE A 173 17.78 -5.16 -5.18
N LEU A 174 16.98 -6.00 -4.54
CA LEU A 174 17.50 -7.05 -3.68
C LEU A 174 17.67 -8.32 -4.50
N ASP A 175 18.45 -9.28 -3.98
CA ASP A 175 18.67 -10.54 -4.68
C ASP A 175 17.41 -11.38 -4.74
N ILE A 176 16.95 -11.67 -5.96
CA ILE A 176 15.73 -12.47 -6.14
C ILE A 176 15.91 -13.58 -7.18
N ARG A 177 17.19 -13.85 -7.56
CA ARG A 177 17.43 -14.81 -8.62
C ARG A 177 16.67 -16.14 -8.41
N GLU A 178 16.99 -16.77 -7.18
CA GLU A 178 16.37 -18.06 -6.87
C GLU A 178 14.88 -17.95 -6.58
N LYS A 179 14.47 -16.90 -5.88
CA LYS A 179 13.06 -16.72 -5.56
C LYS A 179 12.22 -16.67 -6.82
N ALA A 180 12.72 -15.98 -7.85
CA ALA A 180 12.00 -15.88 -9.11
C ALA A 180 11.92 -17.24 -9.79
N GLU A 181 13.06 -17.94 -9.86
CA GLU A 181 13.10 -19.25 -10.50
C GLU A 181 12.09 -20.22 -9.88
N LYS A 182 11.92 -20.13 -8.56
CA LYS A 182 11.01 -21.02 -7.85
C LYS A 182 9.56 -20.92 -8.29
N ILE A 183 9.16 -19.76 -8.84
CA ILE A 183 7.78 -19.61 -9.29
C ILE A 183 7.66 -19.60 -10.80
N ASN A 184 8.70 -20.09 -11.47
CA ASN A 184 8.77 -20.16 -12.93
C ASN A 184 8.94 -18.79 -13.56
N ALA A 185 9.50 -17.85 -12.79
CA ALA A 185 9.75 -16.51 -13.29
C ALA A 185 11.25 -16.37 -13.51
N LYS A 186 11.67 -15.25 -14.08
CA LYS A 186 13.09 -15.03 -14.32
C LYS A 186 13.50 -13.64 -13.85
N ALA A 187 14.49 -13.60 -12.95
CA ALA A 187 14.97 -12.32 -12.44
C ALA A 187 15.86 -11.71 -13.51
N VAL A 188 15.58 -10.45 -13.85
CA VAL A 188 16.35 -9.74 -14.87
C VAL A 188 16.60 -8.29 -14.45
N SER A 189 17.36 -7.57 -15.26
CA SER A 189 17.65 -6.17 -14.99
C SER A 189 16.39 -5.38 -15.30
N LEU A 190 16.29 -4.17 -14.77
CA LEU A 190 15.11 -3.35 -15.04
C LEU A 190 15.04 -3.06 -16.53
N GLU A 191 16.20 -2.87 -17.15
CA GLU A 191 16.26 -2.61 -18.58
C GLU A 191 15.65 -3.74 -19.39
N GLU A 192 16.02 -4.98 -19.08
CA GLU A 192 15.50 -6.12 -19.81
C GLU A 192 14.01 -6.27 -19.56
N LEU A 193 13.58 -6.07 -18.32
CA LEU A 193 12.17 -6.17 -17.98
C LEU A 193 11.37 -5.15 -18.79
N LEU A 194 11.83 -3.91 -18.78
CA LEU A 194 11.15 -2.85 -19.53
C LEU A 194 11.09 -3.11 -21.03
N LYS A 195 12.19 -3.55 -21.62
CA LYS A 195 12.21 -3.80 -23.06
C LYS A 195 11.35 -4.98 -23.51
N ASN A 196 11.08 -5.93 -22.61
CA ASN A 196 10.33 -7.12 -22.97
C ASN A 196 8.94 -7.33 -22.37
N SER A 197 8.47 -6.41 -21.54
CA SER A 197 7.17 -6.60 -20.89
C SER A 197 5.98 -5.96 -21.59
N ASP A 198 4.91 -6.73 -21.73
CA ASP A 198 3.68 -6.24 -22.34
C ASP A 198 2.86 -5.61 -21.23
N VAL A 199 3.07 -6.10 -20.01
CA VAL A 199 2.40 -5.60 -18.83
C VAL A 199 3.47 -5.39 -17.77
N ILE A 200 3.41 -4.26 -17.07
CA ILE A 200 4.36 -3.95 -16.01
C ILE A 200 3.55 -3.71 -14.74
N SER A 201 3.88 -4.42 -13.67
CA SER A 201 3.14 -4.26 -12.41
C SER A 201 4.11 -3.79 -11.32
N LEU A 202 3.79 -2.66 -10.70
CA LEU A 202 4.65 -2.08 -9.67
C LEU A 202 4.25 -2.47 -8.25
N HIS A 203 5.22 -2.99 -7.50
CA HIS A 203 4.98 -3.44 -6.13
C HIS A 203 6.18 -3.11 -5.26
N VAL A 204 6.69 -1.90 -5.41
CA VAL A 204 7.87 -1.46 -4.67
C VAL A 204 7.57 -0.66 -3.41
N THR A 205 8.55 -0.62 -2.53
CA THR A 205 8.48 0.16 -1.30
C THR A 205 9.49 1.27 -1.51
N VAL A 206 8.99 2.50 -1.61
CA VAL A 206 9.84 3.65 -1.82
C VAL A 206 9.42 4.79 -0.90
N SER A 207 10.33 5.74 -0.67
CA SER A 207 10.03 6.87 0.18
C SER A 207 9.31 7.96 -0.61
N LYS A 208 8.79 8.95 0.11
CA LYS A 208 8.06 10.06 -0.52
C LYS A 208 8.97 11.04 -1.26
N ASP A 209 10.18 11.24 -0.76
CA ASP A 209 11.11 12.19 -1.38
C ASP A 209 12.08 11.57 -2.39
N ALA A 210 11.91 10.28 -2.67
CA ALA A 210 12.78 9.61 -3.63
C ALA A 210 12.29 9.88 -5.05
N LYS A 211 13.20 9.89 -6.01
CA LYS A 211 12.84 10.12 -7.39
C LYS A 211 12.10 8.88 -7.89
N PRO A 212 11.15 9.05 -8.81
CA PRO A 212 10.40 7.89 -9.33
C PRO A 212 11.27 6.84 -10.00
N ILE A 213 10.93 5.58 -9.81
CA ILE A 213 11.67 4.47 -10.41
C ILE A 213 11.32 4.39 -11.89
N ILE A 214 10.08 4.75 -12.21
CA ILE A 214 9.64 4.73 -13.59
C ILE A 214 9.60 6.17 -14.04
N ASP A 215 10.68 6.60 -14.70
CA ASP A 215 10.82 7.97 -15.18
C ASP A 215 10.95 7.97 -16.70
N TYR A 216 11.32 9.10 -17.28
CA TYR A 216 11.42 9.21 -18.72
C TYR A 216 12.22 8.14 -19.45
N PRO A 217 13.44 7.82 -18.98
CA PRO A 217 14.23 6.79 -19.66
C PRO A 217 13.52 5.44 -19.69
N GLN A 218 12.87 5.10 -18.58
CA GLN A 218 12.16 3.83 -18.47
C GLN A 218 10.96 3.79 -19.40
N PHE A 219 10.22 4.89 -19.49
CA PHE A 219 9.07 4.95 -20.38
C PHE A 219 9.52 4.78 -21.83
N GLU A 220 10.67 5.33 -22.16
CA GLU A 220 11.18 5.24 -23.53
C GLU A 220 11.56 3.79 -23.86
N LEU A 221 12.08 3.07 -22.88
CA LEU A 221 12.48 1.68 -23.06
C LEU A 221 11.31 0.72 -23.23
N MET A 222 10.14 1.12 -22.72
CA MET A 222 8.96 0.27 -22.78
C MET A 222 8.50 -0.13 -24.17
N LYS A 223 7.76 -1.24 -24.22
CA LYS A 223 7.21 -1.72 -25.49
C LYS A 223 6.00 -0.87 -25.81
N ASP A 224 5.63 -0.81 -27.09
CA ASP A 224 4.46 -0.07 -27.51
C ASP A 224 3.23 -0.81 -26.99
N ASN A 225 2.20 -0.05 -26.62
CA ASN A 225 0.95 -0.62 -26.11
C ASN A 225 1.08 -1.32 -24.77
N VAL A 226 2.08 -0.92 -23.99
CA VAL A 226 2.30 -1.51 -22.68
C VAL A 226 1.14 -1.16 -21.74
N ILE A 227 0.85 -2.07 -20.82
CA ILE A 227 -0.18 -1.85 -19.81
C ILE A 227 0.59 -1.75 -18.50
N ILE A 228 0.38 -0.68 -17.76
CA ILE A 228 1.08 -0.48 -16.50
C ILE A 228 0.09 -0.52 -15.34
N VAL A 229 0.38 -1.36 -14.35
CA VAL A 229 -0.50 -1.49 -13.18
C VAL A 229 0.28 -1.05 -11.95
N ASN A 230 -0.37 -0.29 -11.07
CA ASN A 230 0.29 0.18 -9.87
C ASN A 230 -0.59 0.12 -8.63
N THR A 231 -0.25 -0.75 -7.70
CA THR A 231 -1.00 -0.84 -6.44
C THR A 231 -0.03 -0.62 -5.28
N SER A 232 1.15 -0.11 -5.59
CA SER A 232 2.15 0.15 -4.56
C SER A 232 2.14 1.61 -4.10
N ARG A 233 2.91 2.46 -4.77
CA ARG A 233 2.96 3.88 -4.42
C ARG A 233 2.96 4.75 -5.68
N ALA A 234 2.18 5.83 -5.64
CA ALA A 234 2.10 6.73 -6.78
C ALA A 234 3.45 7.36 -7.11
N VAL A 235 4.21 7.73 -6.10
CA VAL A 235 5.51 8.37 -6.31
C VAL A 235 6.53 7.50 -7.04
N ALA A 236 6.25 6.21 -7.18
CA ALA A 236 7.16 5.31 -7.89
C ALA A 236 7.12 5.63 -9.38
N VAL A 237 6.11 6.38 -9.79
CA VAL A 237 5.94 6.75 -11.20
C VAL A 237 5.94 8.26 -11.43
N ASN A 238 6.62 8.69 -12.49
CA ASN A 238 6.66 10.10 -12.85
C ASN A 238 5.32 10.34 -13.55
N GLY A 239 4.38 10.95 -12.83
CA GLY A 239 3.06 11.19 -13.39
C GLY A 239 3.01 12.04 -14.63
N LYS A 240 3.88 13.05 -14.70
CA LYS A 240 3.91 13.91 -15.86
C LYS A 240 4.45 13.16 -17.08
N ALA A 241 5.45 12.32 -16.86
CA ALA A 241 6.01 11.52 -17.94
C ALA A 241 4.93 10.55 -18.41
N LEU A 242 4.19 9.99 -17.45
CA LEU A 242 3.11 9.05 -17.77
C LEU A 242 2.08 9.70 -18.68
N LEU A 243 1.60 10.88 -18.30
CA LEU A 243 0.61 11.57 -19.11
C LEU A 243 1.15 11.81 -20.52
N ASP A 244 2.43 12.17 -20.59
CA ASP A 244 3.10 12.43 -21.86
C ASP A 244 3.02 11.20 -22.75
N TYR A 245 3.41 10.05 -22.20
CA TYR A 245 3.40 8.81 -22.95
C TYR A 245 2.01 8.23 -23.24
N ILE A 246 1.02 8.62 -22.44
CA ILE A 246 -0.34 8.16 -22.69
C ILE A 246 -0.87 8.97 -23.87
N LYS A 247 -0.61 10.27 -23.85
CA LYS A 247 -1.06 11.14 -24.93
C LYS A 247 -0.38 10.82 -26.26
N LYS A 248 0.86 10.32 -26.20
CA LYS A 248 1.61 9.95 -27.39
C LYS A 248 0.99 8.68 -27.98
N GLY A 249 0.24 7.96 -27.17
CA GLY A 249 -0.40 6.73 -27.61
C GLY A 249 0.43 5.49 -27.34
N LYS A 250 1.55 5.65 -26.64
CA LYS A 250 2.40 4.51 -26.35
C LYS A 250 1.84 3.60 -25.26
N VAL A 251 1.36 4.20 -24.18
CA VAL A 251 0.79 3.43 -23.08
C VAL A 251 -0.66 3.10 -23.38
N TYR A 252 -0.97 1.80 -23.44
CA TYR A 252 -2.32 1.36 -23.72
C TYR A 252 -3.24 1.73 -22.56
N ALA A 253 -2.74 1.56 -21.35
CA ALA A 253 -3.51 1.87 -20.17
C ALA A 253 -2.68 1.90 -18.90
N TYR A 254 -3.11 2.71 -17.94
CA TYR A 254 -2.47 2.80 -16.64
C TYR A 254 -3.58 2.48 -15.66
N ALA A 255 -3.43 1.39 -14.92
CA ALA A 255 -4.42 0.98 -13.93
C ALA A 255 -3.80 1.12 -12.56
N THR A 256 -4.41 1.91 -11.69
CA THR A 256 -3.81 2.15 -10.38
C THR A 256 -4.80 2.25 -9.23
N ASP A 257 -4.34 1.88 -8.04
CA ASP A 257 -5.16 1.96 -6.83
C ASP A 257 -4.62 3.15 -6.02
N VAL A 258 -3.54 3.75 -6.51
CA VAL A 258 -2.91 4.87 -5.83
C VAL A 258 -2.68 6.09 -6.74
N PHE A 259 -2.97 7.28 -6.21
CA PHE A 259 -2.79 8.51 -6.97
C PHE A 259 -1.93 9.47 -6.16
N TRP A 260 -1.15 10.30 -6.86
CA TRP A 260 -0.27 11.25 -6.22
C TRP A 260 -1.04 12.06 -5.18
N ASN A 261 -2.26 12.42 -5.52
CA ASN A 261 -3.16 13.15 -4.64
C ASN A 261 -4.53 12.50 -4.79
N GLU A 262 -5.12 12.08 -3.66
CA GLU A 262 -6.42 11.43 -3.68
C GLU A 262 -7.44 12.22 -2.86
N PRO A 263 -8.34 12.96 -3.54
CA PRO A 263 -8.49 13.14 -4.99
C PRO A 263 -7.41 14.05 -5.55
N PRO A 264 -7.25 14.07 -6.89
CA PRO A 264 -6.25 14.89 -7.58
C PRO A 264 -6.52 16.38 -7.42
N LYS A 265 -5.46 17.18 -7.39
CA LYS A 265 -5.61 18.62 -7.24
C LYS A 265 -4.88 19.40 -8.35
N GLU A 266 -3.75 18.87 -8.79
CA GLU A 266 -2.96 19.52 -9.84
C GLU A 266 -3.55 19.30 -11.23
N GLU A 267 -3.36 20.27 -12.11
CA GLU A 267 -3.88 20.20 -13.47
C GLU A 267 -3.51 18.93 -14.24
N TRP A 268 -2.24 18.53 -14.17
CA TRP A 268 -1.80 17.35 -14.89
C TRP A 268 -2.42 16.09 -14.29
N GLU A 269 -2.63 16.09 -12.98
CA GLU A 269 -3.23 14.94 -12.28
C GLU A 269 -4.67 14.79 -12.72
N LEU A 270 -5.36 15.92 -12.82
CA LEU A 270 -6.75 15.92 -13.26
C LEU A 270 -6.86 15.41 -14.69
N GLU A 271 -5.90 15.79 -15.54
CA GLU A 271 -5.93 15.36 -16.93
C GLU A 271 -5.78 13.84 -17.01
N LEU A 272 -4.91 13.29 -16.16
CA LEU A 272 -4.69 11.85 -16.13
C LEU A 272 -5.97 11.14 -15.68
N LEU A 273 -6.53 11.59 -14.56
CA LEU A 273 -7.74 10.98 -14.03
C LEU A 273 -8.88 10.88 -15.03
N LYS A 274 -9.08 11.93 -15.83
CA LYS A 274 -10.18 11.94 -16.80
C LYS A 274 -9.90 11.20 -18.11
N HIS A 275 -8.66 10.80 -18.34
CA HIS A 275 -8.30 10.12 -19.58
C HIS A 275 -8.89 8.71 -19.64
N GLU A 276 -9.40 8.34 -20.80
CA GLU A 276 -10.01 7.03 -20.99
C GLU A 276 -9.04 5.86 -20.79
N ARG A 277 -7.75 6.13 -20.95
CA ARG A 277 -6.75 5.07 -20.78
C ARG A 277 -6.29 4.91 -19.33
N VAL A 278 -6.86 5.71 -18.44
CA VAL A 278 -6.49 5.63 -17.03
C VAL A 278 -7.63 5.01 -16.22
N ILE A 279 -7.28 3.96 -15.48
CA ILE A 279 -8.23 3.21 -14.64
C ILE A 279 -7.80 3.43 -13.19
N VAL A 280 -8.71 3.87 -12.33
CA VAL A 280 -8.37 4.14 -10.95
C VAL A 280 -9.34 3.63 -9.90
N THR A 281 -8.82 3.00 -8.86
CA THR A 281 -9.65 2.57 -7.75
C THR A 281 -9.21 3.47 -6.60
N THR A 282 -10.11 3.69 -5.65
CA THR A 282 -9.87 4.61 -4.55
C THR A 282 -9.04 4.13 -3.36
N HIS A 283 -7.87 3.56 -3.66
CA HIS A 283 -6.96 3.05 -2.62
C HIS A 283 -7.65 2.02 -1.74
N ILE A 284 -8.25 1.02 -2.39
CA ILE A 284 -8.97 -0.04 -1.70
C ILE A 284 -8.18 -1.35 -1.61
N GLY A 285 -6.89 -1.29 -1.91
CA GLY A 285 -6.05 -2.48 -1.88
C GLY A 285 -6.11 -3.31 -0.61
N ALA A 286 -6.23 -2.66 0.55
CA ALA A 286 -6.31 -3.37 1.82
C ALA A 286 -7.73 -3.37 2.35
N GLN A 287 -8.67 -2.89 1.54
CA GLN A 287 -10.05 -2.80 1.98
C GLN A 287 -10.95 -4.02 1.78
N THR A 288 -10.70 -5.06 2.56
CA THR A 288 -11.54 -6.26 2.52
C THR A 288 -11.83 -6.57 3.99
N LYS A 289 -12.94 -7.26 4.24
CA LYS A 289 -13.30 -7.62 5.61
C LYS A 289 -12.18 -8.44 6.24
N GLU A 290 -11.67 -9.40 5.47
CA GLU A 290 -10.60 -10.28 5.95
C GLU A 290 -9.30 -9.55 6.27
N ALA A 291 -8.84 -8.69 5.36
CA ALA A 291 -7.60 -7.96 5.57
C ALA A 291 -7.71 -7.00 6.76
N GLN A 292 -8.84 -6.30 6.84
CA GLN A 292 -9.04 -5.36 7.94
C GLN A 292 -9.10 -6.07 9.28
N LYS A 293 -9.64 -7.28 9.31
CA LYS A 293 -9.70 -8.04 10.54
C LYS A 293 -8.28 -8.47 10.93
N ARG A 294 -7.49 -8.85 9.93
CA ARG A 294 -6.12 -9.26 10.22
C ARG A 294 -5.30 -8.07 10.74
N VAL A 295 -5.56 -6.89 10.21
CA VAL A 295 -4.85 -5.70 10.66
C VAL A 295 -5.12 -5.50 12.15
N ALA A 296 -6.37 -5.60 12.55
CA ALA A 296 -6.75 -5.44 13.95
C ALA A 296 -6.15 -6.53 14.83
N GLU A 297 -6.27 -7.78 14.40
CA GLU A 297 -5.74 -8.91 15.17
C GLU A 297 -4.21 -8.87 15.31
N MET A 298 -3.54 -8.58 14.21
CA MET A 298 -2.08 -8.52 14.22
C MET A 298 -1.58 -7.37 15.07
N THR A 299 -2.21 -6.21 14.95
CA THR A 299 -1.79 -5.05 15.73
C THR A 299 -2.02 -5.37 17.21
N THR A 300 -3.13 -6.03 17.50
CA THR A 300 -3.45 -6.40 18.88
C THR A 300 -2.44 -7.41 19.41
N GLN A 301 -2.15 -8.45 18.63
CA GLN A 301 -1.21 -9.46 19.08
C GLN A 301 0.22 -8.92 19.22
N ASN A 302 0.64 -8.07 18.29
CA ASN A 302 1.98 -7.51 18.38
C ASN A 302 2.08 -6.56 19.56
N LEU A 303 0.99 -5.88 19.87
CA LEU A 303 0.97 -4.96 21.00
C LEU A 303 1.10 -5.76 22.30
N LEU A 304 0.38 -6.87 22.38
CA LEU A 304 0.42 -7.71 23.57
C LEU A 304 1.82 -8.30 23.78
N ASN A 305 2.46 -8.73 22.69
CA ASN A 305 3.79 -9.30 22.80
C ASN A 305 4.78 -8.25 23.33
N ALA A 306 4.66 -7.03 22.82
CA ALA A 306 5.53 -5.94 23.25
C ALA A 306 5.28 -5.63 24.72
N MET A 307 4.02 -5.70 25.14
CA MET A 307 3.70 -5.44 26.54
C MET A 307 4.26 -6.54 27.43
N LYS A 308 4.20 -7.78 26.96
CA LYS A 308 4.73 -8.90 27.73
C LYS A 308 6.24 -8.78 27.90
N GLU A 309 6.93 -8.39 26.83
CA GLU A 309 8.37 -8.24 26.90
C GLU A 309 8.75 -7.15 27.89
N LEU A 310 7.84 -6.19 28.09
CA LEU A 310 8.08 -5.10 29.02
C LEU A 310 7.64 -5.45 30.44
N GLY A 311 7.10 -6.66 30.59
CA GLY A 311 6.66 -7.13 31.89
C GLY A 311 5.32 -6.58 32.35
N MET A 312 4.58 -5.95 31.44
CA MET A 312 3.28 -5.37 31.78
C MET A 312 2.19 -6.43 31.94
N ILE A 313 2.28 -7.49 31.15
CA ILE A 313 1.31 -8.57 31.20
C ILE A 313 2.01 -9.91 30.96
PA NAD B . 7.70 -5.77 0.39
O1A NAD B . 7.42 -7.20 0.71
O2A NAD B . 8.59 -5.03 1.35
O5B NAD B . 8.29 -5.75 -1.10
C5B NAD B . 8.69 -4.50 -1.67
C4B NAD B . 9.87 -4.93 -2.73
O4B NAD B . 10.12 -3.87 -3.67
C3B NAD B . 11.16 -5.38 -1.97
O3B NAD B . 11.60 -6.66 -2.41
C2B NAD B . 12.12 -4.21 -2.24
O2B NAD B . 13.50 -4.45 -2.17
C1B NAD B . 11.58 -3.78 -3.55
N9A NAD B . 12.06 -2.44 -4.00
C8A NAD B . 12.23 -1.25 -3.29
N7A NAD B . 12.70 -0.30 -4.12
C5A NAD B . 12.84 -0.84 -5.35
C6A NAD B . 13.29 -0.36 -6.65
N6A NAD B . 13.68 0.89 -6.82
N1A NAD B . 13.31 -1.26 -7.78
C2A NAD B . 12.90 -2.62 -7.66
N3A NAD B . 12.46 -3.09 -6.40
C4A NAD B . 12.43 -2.21 -5.28
O3 NAD B . 6.30 -4.96 0.34
PN NAD B . 4.83 -5.45 -0.08
O1N NAD B . 4.92 -6.47 -1.14
O2N NAD B . 4.21 -5.89 1.20
O5D NAD B . 4.25 -4.04 -0.52
C5D NAD B . 4.56 -3.54 -1.80
C4D NAD B . 3.95 -2.17 -2.02
O4D NAD B . 2.53 -2.22 -2.00
C3D NAD B . 4.32 -1.07 -0.97
O3D NAD B . 4.58 0.19 -1.62
C2D NAD B . 3.15 -1.07 -0.06
O2D NAD B . 3.12 0.07 0.79
C1D NAD B . 2.07 -1.24 -1.09
N1N NAD B . 0.72 -1.67 -0.63
C2N NAD B . -0.42 -0.97 -1.16
C3N NAD B . -1.72 -1.38 -0.73
C7N NAD B . -2.91 -0.68 -1.28
O7N NAD B . -3.95 -0.51 -0.45
N7N NAD B . -2.99 -0.19 -2.51
C4N NAD B . -1.83 -2.50 0.24
C5N NAD B . -0.66 -3.19 0.77
C6N NAD B . 0.62 -2.76 0.31
#